data_6W44
#
_entry.id   6W44
#
_cell.length_a   96.999
_cell.length_b   96.999
_cell.length_c   80.194
_cell.angle_alpha   90.000
_cell.angle_beta   90.000
_cell.angle_gamma   90.000
#
_symmetry.space_group_name_H-M   'I 4'
#
loop_
_entity.id
_entity.type
_entity.pdbx_description
1 polymer 'Hydroxyacid oxidase 1'
2 non-polymer 'FLAVIN MONONUCLEOTIDE'
3 non-polymer '5-[methyl-[(2-propoxypyridin-3-yl)methyl]amino]-2~{H}-indazole-3-carboxylic acid'
4 water water
#
_entity_poly.entity_id   1
_entity_poly.type   'polypeptide(L)'
_entity_poly.pdbx_seq_one_letter_code
;MLPRLICINDYEQHAKSVLPKSIYDYYRSGANDEETLADNIAAFSRWKLYPRMLRNVAETDLSTSVLGQRVSMPICVGAT
AMQRMAHVDGELATVRACQSLGTGMMLSSWATSSIEEVAEAGPEALRWLQLYIYKDREVTKKLVRQAEKMGYKAIFVTVD
TPYLGNRLDDVRNRFKLPPQLRMKNFETSTLSFSPEENFGDDSGLAAYVAKAIDPSISWEDIKWLRRLTSLPIVAKGILR
GDDAREAVKHGLNGILVSNHGARQLDGVPATIDVLPEIVEAVEGKVEVFLDGGVRKGTDVLKALALGAKAVFVGRPIVWG
LAFQGEKGVQDVLEILKEEFRLAMALSGCQNVKVIDKTLVRKNPLAVS
;
_entity_poly.pdbx_strand_id   A
#
loop_
_chem_comp.id
_chem_comp.type
_chem_comp.name
_chem_comp.formula
FMN non-polymer 'FLAVIN MONONUCLEOTIDE' 'C17 H21 N4 O9 P'
SLJ non-polymer '5-[methyl-[(2-propoxypyridin-3-yl)methyl]amino]-2~{H}-indazole-3-carboxylic acid' 'C18 H20 N4 O3'
#
# COMPACT_ATOMS: atom_id res chain seq x y z
N PRO A 3 6.98 24.99 6.44
CA PRO A 3 5.82 25.60 5.79
C PRO A 3 4.52 24.88 6.14
N ARG A 4 3.40 25.52 5.78
CA ARG A 4 2.01 25.10 6.04
C ARG A 4 1.57 24.13 4.91
N LEU A 5 1.49 22.85 5.23
CA LEU A 5 1.15 21.75 4.29
C LEU A 5 -0.25 21.27 4.64
N ILE A 6 -1.20 21.33 3.72
CA ILE A 6 -2.59 21.06 4.14
C ILE A 6 -3.19 19.91 3.35
N CYS A 7 -2.47 19.41 2.35
CA CYS A 7 -2.91 18.25 1.57
C CYS A 7 -1.67 17.43 1.21
N ILE A 8 -1.89 16.22 0.72
CA ILE A 8 -0.76 15.32 0.39
C ILE A 8 0.12 15.95 -0.71
N ASN A 9 -0.44 16.60 -1.73
CA ASN A 9 0.42 17.19 -2.79
C ASN A 9 1.37 18.22 -2.17
N ASP A 10 0.96 18.93 -1.12
CA ASP A 10 1.87 19.96 -0.50
C ASP A 10 3.07 19.24 0.11
N TYR A 11 2.88 18.05 0.68
CA TYR A 11 3.97 17.24 1.25
C TYR A 11 4.94 16.84 0.14
N GLU A 12 4.43 16.41 -1.03
CA GLU A 12 5.31 16.06 -2.15
C GLU A 12 6.15 17.31 -2.54
N GLN A 13 5.49 18.45 -2.66
CA GLN A 13 6.19 19.68 -3.14
C GLN A 13 7.30 20.03 -2.14
N HIS A 14 7.01 19.92 -0.86
CA HIS A 14 8.01 20.16 0.19
C HIS A 14 9.16 19.16 0.04
N ALA A 15 8.84 17.87 -0.15
CA ALA A 15 9.90 16.85 -0.29
C ALA A 15 10.79 17.17 -1.48
N LYS A 16 10.23 17.63 -2.59
CA LYS A 16 11.05 17.94 -3.77
C LYS A 16 12.02 19.06 -3.38
N SER A 17 11.58 19.95 -2.52
CA SER A 17 12.37 21.17 -2.15
C SER A 17 13.53 20.83 -1.23
N VAL A 18 13.46 19.76 -0.43
CA VAL A 18 14.48 19.40 0.58
C VAL A 18 15.28 18.13 0.22
N LEU A 19 14.75 17.18 -0.56
CA LEU A 19 15.55 15.96 -0.87
C LEU A 19 16.55 16.22 -1.99
N PRO A 20 17.72 15.53 -1.98
CA PRO A 20 18.56 15.49 -3.18
C PRO A 20 17.73 15.00 -4.38
N LYS A 21 17.92 15.65 -5.51
CA LYS A 21 17.20 15.31 -6.76
C LYS A 21 17.17 13.79 -6.99
N SER A 22 18.30 13.09 -6.87
CA SER A 22 18.36 11.63 -7.18
C SER A 22 17.41 10.85 -6.28
N ILE A 23 17.24 11.26 -5.02
CA ILE A 23 16.40 10.57 -4.01
C ILE A 23 14.93 10.91 -4.29
N TYR A 24 14.61 12.18 -4.54
CA TYR A 24 13.23 12.60 -4.89
C TYR A 24 12.83 11.83 -6.14
N ASP A 25 13.70 11.79 -7.15
CA ASP A 25 13.36 11.13 -8.45
C ASP A 25 13.13 9.64 -8.23
N TYR A 26 13.90 8.98 -7.39
CA TYR A 26 13.74 7.55 -7.05
C TYR A 26 12.33 7.32 -6.49
N TYR A 27 11.92 8.20 -5.58
CA TYR A 27 10.59 8.03 -4.92
C TYR A 27 9.46 8.36 -5.89
N ARG A 28 9.60 9.41 -6.70
CA ARG A 28 8.48 9.94 -7.50
C ARG A 28 8.22 9.05 -8.72
N SER A 29 9.28 8.43 -9.25
N SER A 29 9.28 8.50 -9.30
CA SER A 29 9.30 7.95 -10.64
CA SER A 29 9.30 8.01 -10.70
C SER A 29 8.34 6.78 -10.83
C SER A 29 8.35 6.82 -10.84
N GLY A 30 7.89 6.64 -12.07
CA GLY A 30 7.17 5.43 -12.51
C GLY A 30 8.04 4.77 -13.57
N ALA A 31 7.53 3.75 -14.20
CA ALA A 31 8.27 3.02 -15.24
C ALA A 31 8.15 3.74 -16.59
N ASN A 32 9.25 3.74 -17.34
CA ASN A 32 9.26 4.11 -18.77
C ASN A 32 8.63 5.48 -18.96
N ASP A 33 7.62 5.67 -19.81
CA ASP A 33 7.02 7.01 -20.07
C ASP A 33 6.03 7.44 -18.98
N GLU A 34 5.81 6.63 -17.93
CA GLU A 34 4.99 7.02 -16.76
C GLU A 34 3.55 7.23 -17.19
N GLU A 35 3.03 6.43 -18.12
CA GLU A 35 1.62 6.49 -18.51
C GLU A 35 0.73 6.01 -17.34
N THR A 36 1.09 4.88 -16.73
CA THR A 36 0.28 4.33 -15.62
C THR A 36 0.39 5.26 -14.40
N LEU A 37 1.55 5.89 -14.19
CA LEU A 37 1.74 6.79 -13.02
C LEU A 37 0.72 7.93 -13.12
N ALA A 38 0.59 8.52 -14.32
CA ALA A 38 -0.43 9.56 -14.51
C ALA A 38 -1.82 8.99 -14.31
N ASP A 39 -2.09 7.81 -14.87
CA ASP A 39 -3.44 7.21 -14.89
C ASP A 39 -3.90 6.80 -13.48
N ASN A 40 -3.01 6.33 -12.62
CA ASN A 40 -3.41 5.97 -11.24
C ASN A 40 -4.14 7.13 -10.55
N ILE A 41 -3.68 8.36 -10.80
CA ILE A 41 -4.35 9.59 -10.31
C ILE A 41 -5.52 9.97 -11.20
N ALA A 42 -5.39 9.97 -12.53
CA ALA A 42 -6.45 10.52 -13.40
C ALA A 42 -7.69 9.65 -13.30
N ALA A 43 -7.49 8.35 -13.14
CA ALA A 43 -8.60 7.39 -13.11
C ALA A 43 -9.52 7.70 -11.93
N PHE A 44 -8.97 8.09 -10.77
CA PHE A 44 -9.83 8.41 -9.61
C PHE A 44 -10.74 9.57 -10.00
N SER A 45 -10.25 10.52 -10.79
CA SER A 45 -11.04 11.73 -11.13
CA SER A 45 -11.06 11.72 -11.11
C SER A 45 -12.20 11.36 -12.06
N ARG A 46 -12.07 10.30 -12.87
CA ARG A 46 -13.15 9.87 -13.78
C ARG A 46 -14.30 9.22 -13.02
N TRP A 47 -14.06 8.61 -11.87
CA TRP A 47 -15.17 8.03 -11.09
C TRP A 47 -15.86 9.17 -10.33
N LYS A 48 -17.13 9.39 -10.57
CA LYS A 48 -17.85 10.51 -9.95
C LYS A 48 -18.68 10.00 -8.77
N LEU A 49 -18.84 10.86 -7.78
CA LEU A 49 -19.54 10.55 -6.51
C LEU A 49 -20.98 11.05 -6.62
N TYR A 50 -21.92 10.24 -6.15
CA TYR A 50 -23.37 10.54 -6.12
C TYR A 50 -23.82 10.53 -4.67
N PRO A 51 -23.59 11.63 -3.92
CA PRO A 51 -23.81 11.66 -2.49
C PRO A 51 -25.31 11.61 -2.13
N ARG A 52 -25.62 10.89 -1.05
CA ARG A 52 -26.97 10.95 -0.45
C ARG A 52 -27.01 12.04 0.61
N MET A 53 -28.10 12.81 0.63
CA MET A 53 -28.28 13.90 1.59
C MET A 53 -29.16 13.43 2.77
N LEU A 54 -29.08 14.15 3.88
CA LEU A 54 -30.08 14.04 4.98
C LEU A 54 -30.04 12.66 5.60
N ARG A 55 -28.84 12.12 5.83
CA ARG A 55 -28.73 10.76 6.41
C ARG A 55 -28.38 10.76 7.90
N ASN A 56 -27.99 11.88 8.49
CA ASN A 56 -27.50 12.03 9.89
C ASN A 56 -26.08 11.50 10.00
N VAL A 57 -25.12 12.39 9.81
CA VAL A 57 -23.67 12.05 9.81
C VAL A 57 -22.97 12.77 10.96
N ALA A 58 -23.69 13.04 12.04
CA ALA A 58 -23.10 13.65 13.23
C ALA A 58 -22.00 12.75 13.81
N GLU A 59 -22.13 11.45 13.73
CA GLU A 59 -21.10 10.67 14.49
C GLU A 59 -20.33 9.70 13.60
N THR A 60 -19.50 10.21 12.74
CA THR A 60 -18.90 9.35 11.68
C THR A 60 -17.89 8.41 12.34
N ASP A 61 -17.92 7.15 11.93
CA ASP A 61 -17.08 6.09 12.49
C ASP A 61 -16.30 5.51 11.32
N LEU A 62 -14.99 5.71 11.33
CA LEU A 62 -14.15 5.30 10.18
C LEU A 62 -13.61 3.89 10.42
N SER A 63 -13.86 3.24 11.56
CA SER A 63 -13.16 1.99 11.88
C SER A 63 -13.63 0.86 10.96
N THR A 64 -12.73 -0.08 10.74
CA THR A 64 -13.03 -1.29 9.96
C THR A 64 -12.09 -2.40 10.45
N SER A 65 -11.98 -3.44 9.66
CA SER A 65 -11.02 -4.52 9.96
C SER A 65 -10.29 -4.90 8.68
N VAL A 66 -9.09 -5.37 8.85
CA VAL A 66 -8.24 -5.87 7.73
C VAL A 66 -7.82 -7.29 8.18
N LEU A 67 -8.30 -8.31 7.48
CA LEU A 67 -7.87 -9.72 7.71
C LEU A 67 -8.15 -10.08 9.17
N GLY A 68 -9.27 -9.61 9.69
CA GLY A 68 -9.76 -9.95 11.05
C GLY A 68 -9.21 -9.06 12.15
N GLN A 69 -8.36 -8.09 11.86
CA GLN A 69 -7.77 -7.20 12.88
C GLN A 69 -8.40 -5.80 12.76
N ARG A 70 -8.88 -5.24 13.86
CA ARG A 70 -9.52 -3.92 13.85
C ARG A 70 -8.49 -2.83 13.51
N VAL A 71 -8.92 -1.88 12.70
CA VAL A 71 -8.10 -0.65 12.40
C VAL A 71 -8.99 0.58 12.59
N SER A 72 -8.37 1.73 12.79
CA SER A 72 -9.08 3.00 13.06
C SER A 72 -9.70 3.57 11.80
N MET A 73 -9.20 3.14 10.62
CA MET A 73 -9.63 3.75 9.33
C MET A 73 -9.20 2.79 8.24
N PRO A 74 -9.85 2.82 7.07
CA PRO A 74 -9.52 1.89 5.98
C PRO A 74 -8.39 2.44 5.11
N ILE A 75 -7.37 2.92 5.79
CA ILE A 75 -6.21 3.61 5.18
C ILE A 75 -4.96 3.13 5.93
N CYS A 76 -4.10 2.38 5.24
CA CYS A 76 -2.97 1.66 5.86
C CYS A 76 -1.70 2.01 5.12
N VAL A 77 -0.56 1.81 5.77
CA VAL A 77 0.76 2.15 5.17
C VAL A 77 1.28 0.97 4.35
N GLY A 78 1.51 1.19 3.06
CA GLY A 78 2.13 0.19 2.18
C GLY A 78 3.63 0.09 2.31
N ALA A 79 4.19 -1.00 1.83
CA ALA A 79 5.65 -1.26 1.84
C ALA A 79 6.37 -0.28 0.92
N THR A 80 7.40 0.40 1.40
CA THR A 80 8.26 1.27 0.55
C THR A 80 9.68 1.05 1.05
N ALA A 81 10.55 0.53 0.21
CA ALA A 81 11.97 0.29 0.54
C ALA A 81 12.60 1.66 0.80
N MET A 82 13.62 1.68 1.60
CA MET A 82 14.64 2.77 1.63
C MET A 82 14.07 3.99 2.36
N GLN A 83 13.21 3.78 3.37
CA GLN A 83 12.63 4.89 4.14
C GLN A 83 13.75 5.71 4.84
N ARG A 84 14.85 5.08 5.23
CA ARG A 84 15.97 5.82 5.90
C ARG A 84 16.61 6.86 4.98
N MET A 85 16.40 6.84 3.66
N MET A 85 16.41 6.84 3.66
CA MET A 85 16.87 7.91 2.73
CA MET A 85 16.87 7.94 2.75
C MET A 85 16.00 9.16 2.82
C MET A 85 16.02 9.19 2.89
N ALA A 86 14.79 9.07 3.38
CA ALA A 86 13.88 10.20 3.55
C ALA A 86 14.08 10.86 4.92
N HIS A 87 14.38 10.05 5.92
CA HIS A 87 14.52 10.47 7.34
C HIS A 87 15.35 9.45 8.10
N VAL A 88 16.25 9.90 9.01
CA VAL A 88 17.16 9.02 9.79
CA VAL A 88 17.16 8.99 9.73
C VAL A 88 16.38 7.93 10.54
N ASP A 89 15.15 8.21 10.98
CA ASP A 89 14.37 7.23 11.79
C ASP A 89 13.65 6.19 10.90
N GLY A 90 13.54 6.46 9.59
CA GLY A 90 12.97 5.52 8.60
C GLY A 90 11.78 4.75 9.15
N GLU A 91 11.82 3.43 9.02
CA GLU A 91 10.68 2.54 9.33
C GLU A 91 10.25 2.63 10.81
N LEU A 92 11.16 3.01 11.73
CA LEU A 92 10.78 3.15 13.15
C LEU A 92 9.86 4.36 13.31
N ALA A 93 10.13 5.47 12.62
CA ALA A 93 9.24 6.65 12.56
C ALA A 93 7.87 6.20 12.01
N THR A 94 7.88 5.48 10.91
CA THR A 94 6.58 5.05 10.29
C THR A 94 5.76 4.20 11.24
N VAL A 95 6.36 3.21 11.91
CA VAL A 95 5.59 2.28 12.73
C VAL A 95 5.06 3.02 13.98
N ARG A 96 5.82 3.99 14.48
CA ARG A 96 5.38 4.79 15.66
C ARG A 96 4.16 5.63 15.27
N ALA A 97 4.13 6.16 14.04
CA ALA A 97 2.97 6.94 13.54
C ALA A 97 1.76 6.01 13.40
N CYS A 98 1.96 4.81 12.84
CA CYS A 98 0.87 3.84 12.67
C CYS A 98 0.29 3.47 14.04
N GLN A 99 1.16 3.23 15.03
CA GLN A 99 0.68 2.93 16.41
C GLN A 99 -0.19 4.09 16.91
N SER A 100 0.28 5.32 16.75
CA SER A 100 -0.51 6.50 17.21
C SER A 100 -1.90 6.52 16.55
N LEU A 101 -1.97 6.26 15.25
CA LEU A 101 -3.20 6.43 14.45
C LEU A 101 -4.14 5.23 14.67
N GLY A 102 -3.61 4.07 15.07
CA GLY A 102 -4.42 2.85 15.14
C GLY A 102 -4.61 2.21 13.79
N THR A 103 -3.67 2.41 12.87
CA THR A 103 -3.76 1.70 11.57
C THR A 103 -2.55 0.78 11.42
N GLY A 104 -2.54 -0.02 10.36
CA GLY A 104 -1.48 -1.01 10.13
C GLY A 104 -0.39 -0.52 9.21
N MET A 105 0.79 -1.09 9.43
CA MET A 105 2.00 -0.88 8.63
C MET A 105 2.43 -2.19 7.96
N MET A 106 2.53 -2.16 6.63
CA MET A 106 3.18 -3.20 5.83
C MET A 106 4.68 -2.85 5.70
N LEU A 107 5.52 -3.69 6.29
CA LEU A 107 6.98 -3.47 6.28
C LEU A 107 7.60 -4.12 5.05
N SER A 108 8.40 -3.35 4.34
CA SER A 108 9.08 -3.88 3.14
C SER A 108 10.03 -4.98 3.58
N SER A 109 10.22 -6.02 2.77
CA SER A 109 11.30 -6.97 3.16
C SER A 109 12.69 -6.39 2.86
N TRP A 110 12.81 -5.30 2.10
N TRP A 110 12.79 -5.33 2.07
CA TRP A 110 14.10 -4.58 1.98
CA TRP A 110 14.11 -4.67 1.85
C TRP A 110 14.12 -3.37 2.92
C TRP A 110 14.14 -3.38 2.66
N ALA A 111 13.48 -3.45 4.10
N ALA A 111 13.72 -3.43 3.92
CA ALA A 111 13.56 -2.37 5.11
CA ALA A 111 13.67 -2.27 4.83
C ALA A 111 14.97 -2.34 5.75
C ALA A 111 15.09 -1.92 5.30
N THR A 112 15.48 -1.14 6.03
N THR A 112 15.27 -0.68 5.73
CA THR A 112 16.76 -0.94 6.73
CA THR A 112 16.45 -0.12 6.42
C THR A 112 16.66 -1.43 8.17
C THR A 112 16.34 -0.36 7.94
N SER A 113 15.58 -1.06 8.86
N SER A 113 15.45 -1.23 8.42
CA SER A 113 15.23 -1.58 10.19
CA SER A 113 15.27 -1.61 9.84
C SER A 113 14.83 -3.03 10.04
C SER A 113 14.86 -3.10 9.94
N SER A 114 15.28 -3.84 10.97
CA SER A 114 14.98 -5.27 11.03
C SER A 114 13.52 -5.47 11.40
N ILE A 115 12.99 -6.66 11.10
CA ILE A 115 11.67 -7.10 11.58
C ILE A 115 11.56 -6.90 13.10
N GLU A 116 12.58 -7.35 13.84
CA GLU A 116 12.58 -7.20 15.32
C GLU A 116 12.58 -5.73 15.73
N GLU A 117 13.43 -4.92 15.13
CA GLU A 117 13.56 -3.48 15.47
C GLU A 117 12.20 -2.77 15.27
N VAL A 118 11.55 -3.04 14.14
CA VAL A 118 10.22 -2.41 13.91
C VAL A 118 9.23 -2.89 14.96
N ALA A 119 9.21 -4.17 15.32
CA ALA A 119 8.27 -4.71 16.32
C ALA A 119 8.58 -4.07 17.69
N GLU A 120 9.85 -3.79 17.97
CA GLU A 120 10.27 -3.15 19.26
C GLU A 120 9.84 -1.68 19.29
N ALA A 121 9.86 -0.96 18.15
CA ALA A 121 9.45 0.46 18.06
C ALA A 121 7.92 0.55 18.13
N GLY A 122 7.20 -0.43 17.56
CA GLY A 122 5.73 -0.41 17.48
C GLY A 122 5.12 -1.69 18.01
N PRO A 123 5.34 -1.99 19.31
CA PRO A 123 4.93 -3.26 19.89
C PRO A 123 3.41 -3.43 19.83
N GLU A 124 2.65 -2.34 19.94
CA GLU A 124 1.18 -2.37 19.94
C GLU A 124 0.60 -2.00 18.57
N ALA A 125 1.45 -1.78 17.57
CA ALA A 125 1.01 -1.43 16.21
C ALA A 125 0.60 -2.70 15.46
N LEU A 126 -0.42 -2.60 14.62
CA LEU A 126 -0.76 -3.68 13.67
C LEU A 126 0.31 -3.68 12.58
N ARG A 127 1.02 -4.80 12.43
CA ARG A 127 2.18 -4.89 11.53
C ARG A 127 2.06 -6.11 10.64
N TRP A 128 2.36 -5.90 9.35
CA TRP A 128 2.39 -7.00 8.36
C TRP A 128 3.75 -6.97 7.66
N LEU A 129 4.14 -8.11 7.15
CA LEU A 129 5.40 -8.22 6.41
C LEU A 129 5.12 -8.37 4.92
N GLN A 130 5.70 -7.50 4.12
CA GLN A 130 5.73 -7.71 2.66
C GLN A 130 6.94 -8.60 2.37
N LEU A 131 6.72 -9.60 1.53
CA LEU A 131 7.71 -10.65 1.23
C LEU A 131 7.94 -10.70 -0.27
N TYR A 132 9.19 -10.86 -0.67
CA TYR A 132 9.55 -11.36 -2.00
C TYR A 132 10.00 -12.81 -1.79
N ILE A 133 9.64 -13.67 -2.73
CA ILE A 133 10.23 -15.04 -2.75
C ILE A 133 11.64 -14.91 -3.36
N TYR A 134 12.66 -14.88 -2.50
CA TYR A 134 14.07 -14.69 -2.93
C TYR A 134 14.56 -16.00 -3.52
N LYS A 135 15.51 -15.92 -4.45
CA LYS A 135 16.17 -17.15 -4.96
C LYS A 135 16.62 -17.97 -3.76
N ASP A 136 17.14 -17.33 -2.71
CA ASP A 136 17.49 -18.01 -1.45
C ASP A 136 16.21 -18.27 -0.64
N ARG A 137 15.65 -19.46 -0.74
CA ARG A 137 14.41 -19.82 -0.02
C ARG A 137 14.72 -19.93 1.47
N GLU A 138 15.99 -20.10 1.86
CA GLU A 138 16.30 -20.18 3.32
C GLU A 138 16.02 -18.80 3.91
N VAL A 139 16.46 -17.73 3.26
CA VAL A 139 16.29 -16.39 3.88
C VAL A 139 14.81 -16.02 3.77
N THR A 140 14.13 -16.44 2.71
CA THR A 140 12.67 -16.21 2.62
C THR A 140 11.94 -16.84 3.83
N LYS A 141 12.24 -18.11 4.11
CA LYS A 141 11.62 -18.82 5.24
C LYS A 141 11.97 -18.11 6.56
N LYS A 142 13.20 -17.66 6.71
CA LYS A 142 13.67 -17.01 7.97
C LYS A 142 12.88 -15.72 8.20
N LEU A 143 12.60 -14.97 7.13
CA LEU A 143 11.79 -13.74 7.29
C LEU A 143 10.39 -14.06 7.78
N VAL A 144 9.75 -15.08 7.20
CA VAL A 144 8.38 -15.48 7.56
C VAL A 144 8.39 -15.91 9.03
N ARG A 145 9.37 -16.74 9.42
CA ARG A 145 9.42 -17.21 10.83
C ARG A 145 9.65 -16.01 11.76
N GLN A 146 10.53 -15.09 11.43
CA GLN A 146 10.75 -13.88 12.26
C GLN A 146 9.45 -13.06 12.34
N ALA A 147 8.70 -12.92 11.26
CA ALA A 147 7.42 -12.18 11.29
C ALA A 147 6.47 -12.87 12.26
N GLU A 148 6.37 -14.18 12.21
CA GLU A 148 5.50 -14.97 13.11
C GLU A 148 5.92 -14.69 14.56
N LYS A 149 7.21 -14.83 14.83
CA LYS A 149 7.73 -14.75 16.22
C LYS A 149 7.55 -13.33 16.76
N MET A 150 7.62 -12.30 15.91
CA MET A 150 7.61 -10.89 16.37
C MET A 150 6.20 -10.26 16.24
N GLY A 151 5.14 -11.04 16.13
CA GLY A 151 3.77 -10.57 16.28
C GLY A 151 3.22 -9.89 15.03
N TYR A 152 3.81 -10.12 13.86
CA TYR A 152 3.22 -9.64 12.58
C TYR A 152 1.99 -10.50 12.27
N LYS A 153 0.97 -9.91 11.62
CA LYS A 153 -0.36 -10.54 11.51
C LYS A 153 -0.68 -10.99 10.10
N ALA A 154 0.19 -10.78 9.10
CA ALA A 154 -0.06 -11.28 7.73
C ALA A 154 1.19 -11.12 6.91
N ILE A 155 1.23 -11.88 5.82
CA ILE A 155 2.31 -11.81 4.82
C ILE A 155 1.67 -11.24 3.55
N PHE A 156 2.23 -10.17 3.02
CA PHE A 156 1.85 -9.67 1.67
C PHE A 156 2.93 -10.13 0.71
N VAL A 157 2.64 -11.16 -0.09
CA VAL A 157 3.66 -11.66 -1.06
C VAL A 157 3.53 -10.86 -2.36
N THR A 158 4.60 -10.19 -2.72
CA THR A 158 4.59 -9.35 -3.95
C THR A 158 4.79 -10.27 -5.15
N VAL A 159 3.86 -10.23 -6.10
CA VAL A 159 3.87 -11.19 -7.24
C VAL A 159 4.05 -10.52 -8.57
N ASP A 160 4.33 -9.20 -8.62
CA ASP A 160 4.41 -8.49 -9.92
C ASP A 160 5.86 -8.10 -10.22
N THR A 161 6.80 -8.67 -9.48
CA THR A 161 8.21 -8.26 -9.60
C THR A 161 9.14 -9.46 -9.85
N PRO A 162 9.02 -10.17 -10.98
CA PRO A 162 9.99 -11.20 -11.35
C PRO A 162 11.35 -10.51 -11.59
N TYR A 163 11.30 -9.32 -12.18
CA TYR A 163 12.42 -8.38 -12.38
C TYR A 163 11.94 -6.99 -11.95
N LEU A 164 12.87 -6.10 -11.62
CA LEU A 164 12.48 -4.73 -11.27
C LEU A 164 12.15 -3.94 -12.55
N GLY A 165 11.22 -3.00 -12.48
CA GLY A 165 10.87 -2.17 -13.64
C GLY A 165 11.96 -1.21 -14.08
N ASN A 166 11.78 -0.63 -15.25
CA ASN A 166 12.77 0.32 -15.84
C ASN A 166 12.34 1.77 -15.55
N ARG A 167 12.76 2.31 -14.41
N ARG A 167 12.78 2.30 -14.43
CA ARG A 167 12.48 3.73 -14.08
CA ARG A 167 12.49 3.73 -14.13
C ARG A 167 13.62 4.54 -14.72
C ARG A 167 13.64 4.52 -14.75
N LEU A 168 13.31 5.40 -15.70
CA LEU A 168 14.36 6.08 -16.51
C LEU A 168 15.22 7.00 -15.61
N ASP A 169 14.65 7.71 -14.62
CA ASP A 169 15.49 8.64 -13.81
C ASP A 169 16.58 7.88 -13.03
N ASP A 170 16.29 6.66 -12.56
CA ASP A 170 17.24 5.84 -11.76
C ASP A 170 18.44 5.48 -12.63
N VAL A 171 18.20 5.28 -13.93
CA VAL A 171 19.29 4.97 -14.91
C VAL A 171 20.10 6.26 -15.18
N ARG A 172 19.43 7.41 -15.27
CA ARG A 172 20.08 8.74 -15.50
C ARG A 172 20.85 9.21 -14.27
N ASN A 173 20.48 8.77 -13.06
CA ASN A 173 21.07 9.23 -11.76
C ASN A 173 22.01 8.15 -11.19
N GLY A 204 24.52 -0.84 -9.04
CA GLY A 204 24.70 -0.76 -7.58
C GLY A 204 23.56 -1.44 -6.85
N LEU A 205 22.59 -0.66 -6.36
CA LEU A 205 21.43 -1.17 -5.55
C LEU A 205 20.56 -2.06 -6.45
N ALA A 206 20.14 -1.56 -7.62
CA ALA A 206 19.19 -2.26 -8.52
C ALA A 206 19.79 -3.62 -8.93
N ALA A 207 21.11 -3.68 -9.12
CA ALA A 207 21.81 -4.91 -9.54
C ALA A 207 21.75 -5.92 -8.39
N TYR A 208 22.03 -5.47 -7.16
CA TYR A 208 21.95 -6.28 -5.92
C TYR A 208 20.53 -6.81 -5.74
N VAL A 209 19.50 -5.98 -5.97
CA VAL A 209 18.08 -6.47 -5.90
C VAL A 209 17.82 -7.51 -7.01
N ALA A 210 18.26 -7.27 -8.25
CA ALA A 210 18.06 -8.24 -9.37
C ALA A 210 18.75 -9.58 -9.05
N LYS A 211 19.94 -9.54 -8.46
CA LYS A 211 20.65 -10.76 -8.00
C LYS A 211 19.79 -11.53 -7.00
N ALA A 212 18.97 -10.88 -6.15
CA ALA A 212 18.28 -11.54 -5.02
C ALA A 212 16.90 -12.08 -5.40
N ILE A 213 16.12 -11.33 -6.18
CA ILE A 213 14.71 -11.68 -6.51
C ILE A 213 14.68 -12.76 -7.60
N ASP A 214 13.82 -13.75 -7.42
CA ASP A 214 13.72 -14.93 -8.29
C ASP A 214 12.70 -14.68 -9.41
N PRO A 215 13.13 -14.62 -10.70
CA PRO A 215 12.21 -14.49 -11.83
C PRO A 215 11.43 -15.77 -12.17
N SER A 216 11.80 -16.90 -11.56
CA SER A 216 11.13 -18.19 -11.83
C SER A 216 9.88 -18.40 -10.98
N ILE A 217 9.53 -17.47 -10.09
N ILE A 217 9.53 -17.47 -10.10
CA ILE A 217 8.42 -17.61 -9.11
CA ILE A 217 8.41 -17.67 -9.14
C ILE A 217 7.13 -18.00 -9.87
C ILE A 217 7.15 -18.06 -9.93
N SER A 218 6.47 -19.08 -9.45
CA SER A 218 5.24 -19.58 -10.08
C SER A 218 4.20 -19.85 -9.00
N TRP A 219 3.05 -20.33 -9.43
CA TRP A 219 1.98 -20.72 -8.48
C TRP A 219 2.49 -21.86 -7.60
N GLU A 220 3.42 -22.69 -8.07
CA GLU A 220 4.01 -23.75 -7.21
C GLU A 220 4.70 -23.12 -6.01
N ASP A 221 5.32 -21.95 -6.16
CA ASP A 221 6.00 -21.27 -5.04
C ASP A 221 4.96 -20.67 -4.06
N ILE A 222 3.80 -20.28 -4.56
CA ILE A 222 2.67 -19.84 -3.72
C ILE A 222 2.20 -21.05 -2.91
N LYS A 223 2.06 -22.24 -3.51
CA LYS A 223 1.69 -23.46 -2.73
C LYS A 223 2.69 -23.69 -1.61
N TRP A 224 3.98 -23.51 -1.87
CA TRP A 224 5.06 -23.67 -0.88
C TRP A 224 4.83 -22.67 0.26
N LEU A 225 4.59 -21.40 -0.08
CA LEU A 225 4.47 -20.36 0.96
C LEU A 225 3.20 -20.61 1.78
N ARG A 226 2.13 -21.09 1.16
CA ARG A 226 0.84 -21.35 1.84
C ARG A 226 1.02 -22.53 2.84
N ARG A 227 1.88 -23.47 2.52
CA ARG A 227 2.26 -24.60 3.42
C ARG A 227 3.21 -24.15 4.52
N LEU A 228 4.06 -23.15 4.26
CA LEU A 228 5.11 -22.66 5.17
C LEU A 228 4.52 -21.95 6.40
N THR A 229 3.42 -21.19 6.25
CA THR A 229 2.89 -20.36 7.37
C THR A 229 1.37 -20.53 7.47
N SER A 230 0.84 -20.44 8.70
CA SER A 230 -0.61 -20.33 8.94
C SER A 230 -1.03 -18.86 8.94
N LEU A 231 -0.11 -17.90 8.86
CA LEU A 231 -0.54 -16.48 8.82
C LEU A 231 -1.40 -16.29 7.57
N PRO A 232 -2.31 -15.29 7.61
CA PRO A 232 -3.00 -14.83 6.41
C PRO A 232 -1.93 -14.38 5.38
N ILE A 233 -2.20 -14.76 4.14
CA ILE A 233 -1.34 -14.33 3.01
C ILE A 233 -2.17 -13.54 2.01
N VAL A 234 -1.66 -12.38 1.62
CA VAL A 234 -2.32 -11.55 0.58
C VAL A 234 -1.40 -11.54 -0.65
N ALA A 235 -1.97 -11.77 -1.82
CA ALA A 235 -1.24 -11.63 -3.11
C ALA A 235 -1.24 -10.16 -3.50
N LYS A 236 -0.06 -9.54 -3.53
CA LYS A 236 0.07 -8.10 -3.85
C LYS A 236 0.58 -7.93 -5.29
N GLY A 237 -0.17 -7.21 -6.11
CA GLY A 237 0.22 -6.97 -7.51
C GLY A 237 -0.62 -7.66 -8.55
N ILE A 238 -1.78 -8.20 -8.19
CA ILE A 238 -2.74 -8.82 -9.12
C ILE A 238 -3.51 -7.75 -9.85
N LEU A 239 -3.63 -7.89 -11.15
CA LEU A 239 -4.34 -6.98 -12.05
C LEU A 239 -5.40 -7.70 -12.89
N ARG A 240 -5.49 -9.00 -12.85
CA ARG A 240 -6.43 -9.76 -13.69
C ARG A 240 -7.37 -10.60 -12.82
N GLY A 241 -8.62 -10.66 -13.23
CA GLY A 241 -9.61 -11.52 -12.50
C GLY A 241 -9.20 -12.96 -12.49
N ASP A 242 -8.68 -13.49 -13.58
CA ASP A 242 -8.32 -14.93 -13.61
C ASP A 242 -7.20 -15.24 -12.61
N ASP A 243 -6.19 -14.37 -12.48
CA ASP A 243 -5.16 -14.52 -11.46
C ASP A 243 -5.75 -14.38 -10.06
N ALA A 244 -6.71 -13.49 -9.86
CA ALA A 244 -7.35 -13.35 -8.54
C ALA A 244 -8.05 -14.67 -8.16
N ARG A 245 -8.73 -15.25 -9.11
CA ARG A 245 -9.40 -16.55 -8.86
C ARG A 245 -8.38 -17.62 -8.53
N GLU A 246 -7.23 -17.61 -9.18
CA GLU A 246 -6.17 -18.62 -8.89
C GLU A 246 -5.62 -18.39 -7.49
N ALA A 247 -5.47 -17.14 -7.05
CA ALA A 247 -5.01 -16.86 -5.68
C ALA A 247 -6.00 -17.42 -4.63
N VAL A 248 -7.28 -17.29 -4.88
CA VAL A 248 -8.35 -17.85 -4.00
C VAL A 248 -8.21 -19.39 -4.01
N LYS A 249 -8.06 -19.98 -5.18
CA LYS A 249 -7.94 -21.45 -5.31
C LYS A 249 -6.72 -21.98 -4.55
N HIS A 250 -5.63 -21.21 -4.43
CA HIS A 250 -4.40 -21.60 -3.69
C HIS A 250 -4.51 -21.32 -2.17
N GLY A 251 -5.68 -20.90 -1.70
CA GLY A 251 -5.90 -20.73 -0.26
C GLY A 251 -5.28 -19.46 0.28
N LEU A 252 -5.05 -18.46 -0.57
CA LEU A 252 -4.65 -17.15 -0.05
C LEU A 252 -5.89 -16.43 0.52
N ASN A 253 -5.63 -15.40 1.31
CA ASN A 253 -6.65 -14.77 2.20
C ASN A 253 -6.95 -13.33 1.77
N GLY A 254 -6.37 -12.87 0.69
CA GLY A 254 -6.68 -11.50 0.22
C GLY A 254 -5.96 -11.21 -1.06
N ILE A 255 -6.43 -10.21 -1.79
CA ILE A 255 -5.75 -9.68 -3.01
C ILE A 255 -5.53 -8.21 -2.76
N LEU A 256 -4.31 -7.75 -3.00
CA LEU A 256 -4.01 -6.31 -3.07
C LEU A 256 -3.84 -5.93 -4.54
N VAL A 257 -4.87 -5.30 -5.06
CA VAL A 257 -4.89 -4.83 -6.47
C VAL A 257 -3.89 -3.68 -6.50
N SER A 258 -2.84 -3.89 -7.25
CA SER A 258 -1.65 -3.01 -7.20
C SER A 258 -0.94 -3.12 -8.53
N ASN A 259 -0.40 -1.99 -9.01
CA ASN A 259 0.54 -1.97 -10.15
C ASN A 259 1.89 -1.48 -9.62
N HIS A 260 2.14 -1.66 -8.33
CA HIS A 260 3.46 -1.36 -7.73
C HIS A 260 3.71 0.14 -7.83
N GLY A 261 2.67 0.96 -7.68
CA GLY A 261 2.81 2.42 -7.78
C GLY A 261 3.25 2.83 -9.19
N ALA A 262 2.87 2.07 -10.19
CA ALA A 262 3.17 2.32 -11.62
C ALA A 262 4.67 2.21 -11.90
N ARG A 263 5.42 1.39 -11.15
CA ARG A 263 6.90 1.31 -11.23
C ARG A 263 7.36 0.04 -11.94
N GLN A 264 6.45 -0.85 -12.33
CA GLN A 264 6.81 -2.17 -12.90
C GLN A 264 6.51 -2.10 -14.41
N LEU A 265 5.41 -2.66 -14.85
CA LEU A 265 5.04 -2.62 -16.29
C LEU A 265 4.25 -1.35 -16.55
N ASP A 266 4.78 -0.45 -17.39
CA ASP A 266 4.01 0.75 -17.80
C ASP A 266 2.97 0.38 -18.84
N GLY A 267 1.81 1.03 -18.76
CA GLY A 267 0.69 0.81 -19.68
C GLY A 267 -0.29 -0.22 -19.17
N VAL A 268 -0.14 -0.67 -17.93
CA VAL A 268 -1.23 -1.39 -17.25
C VAL A 268 -2.29 -0.38 -16.86
N PRO A 269 -3.54 -0.79 -16.62
CA PRO A 269 -4.55 0.16 -16.19
C PRO A 269 -4.27 0.68 -14.77
N ALA A 270 -4.98 1.76 -14.46
CA ALA A 270 -5.07 2.29 -13.09
C ALA A 270 -5.69 1.22 -12.19
N THR A 271 -5.24 1.13 -10.94
CA THR A 271 -5.80 0.13 -9.99
C THR A 271 -7.28 0.37 -9.76
N ILE A 272 -7.72 1.63 -9.68
CA ILE A 272 -9.14 1.88 -9.40
C ILE A 272 -9.98 1.33 -10.56
N ASP A 273 -9.45 1.31 -11.78
CA ASP A 273 -10.22 0.83 -12.95
C ASP A 273 -10.29 -0.68 -13.00
N VAL A 274 -9.27 -1.42 -12.52
CA VAL A 274 -9.37 -2.91 -12.51
C VAL A 274 -10.02 -3.42 -11.24
N LEU A 275 -10.11 -2.62 -10.17
CA LEU A 275 -10.69 -3.06 -8.90
C LEU A 275 -12.04 -3.76 -9.12
N PRO A 276 -13.03 -3.16 -9.80
CA PRO A 276 -14.34 -3.81 -9.88
C PRO A 276 -14.27 -5.22 -10.48
N GLU A 277 -13.45 -5.44 -11.52
CA GLU A 277 -13.32 -6.78 -12.15
C GLU A 277 -12.80 -7.77 -11.11
N ILE A 278 -11.83 -7.39 -10.28
CA ILE A 278 -11.21 -8.27 -9.26
C ILE A 278 -12.21 -8.56 -8.16
N VAL A 279 -12.93 -7.54 -7.70
CA VAL A 279 -13.97 -7.77 -6.67
C VAL A 279 -14.99 -8.77 -7.23
N GLU A 280 -15.42 -8.59 -8.48
CA GLU A 280 -16.42 -9.48 -9.13
C GLU A 280 -15.85 -10.90 -9.15
N ALA A 281 -14.59 -11.03 -9.58
CA ALA A 281 -13.93 -12.34 -9.78
C ALA A 281 -13.85 -13.15 -8.48
N VAL A 282 -13.62 -12.54 -7.32
CA VAL A 282 -13.34 -13.33 -6.09
C VAL A 282 -14.67 -13.70 -5.38
N GLU A 283 -15.80 -13.16 -5.82
CA GLU A 283 -17.16 -13.56 -5.33
C GLU A 283 -17.21 -13.51 -3.80
N GLY A 284 -16.57 -12.50 -3.18
CA GLY A 284 -16.59 -12.33 -1.71
C GLY A 284 -15.83 -13.37 -0.92
N LYS A 285 -14.99 -14.22 -1.54
CA LYS A 285 -14.25 -15.27 -0.84
C LYS A 285 -13.12 -14.70 -0.01
N VAL A 286 -12.52 -13.60 -0.48
CA VAL A 286 -11.37 -12.99 0.24
C VAL A 286 -11.55 -11.47 0.16
N GLU A 287 -10.92 -10.80 1.12
CA GLU A 287 -10.86 -9.31 1.10
C GLU A 287 -10.02 -8.86 -0.11
N VAL A 288 -10.44 -7.75 -0.70
CA VAL A 288 -9.71 -7.08 -1.79
C VAL A 288 -9.28 -5.70 -1.33
N PHE A 289 -8.03 -5.38 -1.53
CA PHE A 289 -7.44 -4.10 -1.11
C PHE A 289 -6.98 -3.39 -2.38
N LEU A 290 -6.64 -2.10 -2.26
CA LEU A 290 -6.14 -1.33 -3.42
C LEU A 290 -4.98 -0.45 -2.96
N ASP A 291 -3.99 -0.30 -3.82
CA ASP A 291 -3.02 0.83 -3.71
C ASP A 291 -2.81 1.41 -5.11
N GLY A 292 -2.11 2.56 -5.20
CA GLY A 292 -1.82 3.17 -6.47
C GLY A 292 -2.63 4.43 -6.63
N GLY A 293 -2.02 5.58 -6.35
CA GLY A 293 -2.66 6.85 -6.65
C GLY A 293 -3.53 7.41 -5.54
N VAL A 294 -3.62 6.78 -4.37
CA VAL A 294 -4.45 7.32 -3.28
C VAL A 294 -3.75 8.57 -2.72
N ARG A 295 -4.42 9.71 -2.81
CA ARG A 295 -3.86 11.01 -2.35
C ARG A 295 -4.87 11.80 -1.54
N LYS A 296 -6.15 11.43 -1.58
CA LYS A 296 -7.25 12.24 -1.04
C LYS A 296 -8.26 11.33 -0.39
N GLY A 297 -9.02 11.92 0.51
CA GLY A 297 -10.11 11.16 1.16
C GLY A 297 -11.12 10.67 0.17
N THR A 298 -11.45 11.40 -0.90
CA THR A 298 -12.44 10.91 -1.89
C THR A 298 -11.89 9.69 -2.64
N ASP A 299 -10.59 9.55 -2.76
CA ASP A 299 -9.99 8.35 -3.40
C ASP A 299 -10.33 7.12 -2.56
N VAL A 300 -10.14 7.24 -1.25
CA VAL A 300 -10.49 6.16 -0.30
C VAL A 300 -11.97 5.82 -0.44
N LEU A 301 -12.85 6.83 -0.45
CA LEU A 301 -14.30 6.57 -0.54
C LEU A 301 -14.61 5.84 -1.84
N LYS A 302 -14.07 6.25 -2.99
CA LYS A 302 -14.32 5.58 -4.27
C LYS A 302 -13.87 4.13 -4.23
N ALA A 303 -12.69 3.85 -3.68
CA ALA A 303 -12.19 2.46 -3.62
C ALA A 303 -13.12 1.60 -2.75
N LEU A 304 -13.58 2.12 -1.62
CA LEU A 304 -14.50 1.33 -0.78
C LEU A 304 -15.85 1.17 -1.50
N ALA A 305 -16.34 2.18 -2.22
CA ALA A 305 -17.64 2.04 -2.93
C ALA A 305 -17.54 0.95 -3.99
N LEU A 306 -16.37 0.78 -4.57
CA LEU A 306 -16.18 -0.26 -5.61
C LEU A 306 -15.81 -1.61 -5.00
N GLY A 307 -15.72 -1.72 -3.68
CA GLY A 307 -15.64 -3.03 -3.03
C GLY A 307 -14.33 -3.32 -2.34
N ALA A 308 -13.37 -2.39 -2.33
CA ALA A 308 -12.13 -2.61 -1.56
C ALA A 308 -12.45 -2.55 -0.07
N LYS A 309 -11.80 -3.37 0.74
CA LYS A 309 -11.95 -3.29 2.21
C LYS A 309 -11.18 -2.11 2.78
N ALA A 310 -10.04 -1.87 2.20
CA ALA A 310 -9.10 -0.82 2.66
C ALA A 310 -8.17 -0.48 1.53
N VAL A 311 -7.48 0.65 1.69
CA VAL A 311 -6.46 1.06 0.73
C VAL A 311 -5.13 1.28 1.42
N PHE A 312 -4.07 1.15 0.64
CA PHE A 312 -2.70 1.39 1.14
C PHE A 312 -2.12 2.57 0.40
N VAL A 313 -1.26 3.30 1.11
CA VAL A 313 -0.53 4.47 0.54
C VAL A 313 0.97 4.20 0.60
N GLY A 314 1.66 4.50 -0.50
CA GLY A 314 3.12 4.36 -0.59
C GLY A 314 3.81 5.69 -0.49
N ARG A 315 3.86 6.39 -1.59
CA ARG A 315 4.65 7.65 -1.68
C ARG A 315 4.22 8.65 -0.60
N PRO A 316 2.93 8.86 -0.25
CA PRO A 316 2.55 9.89 0.73
C PRO A 316 3.32 9.73 2.04
N ILE A 317 3.58 8.49 2.44
CA ILE A 317 4.29 8.16 3.69
C ILE A 317 5.73 8.65 3.60
N VAL A 318 6.39 8.43 2.48
CA VAL A 318 7.77 8.88 2.23
C VAL A 318 7.79 10.41 2.28
N TRP A 319 6.80 11.09 1.70
CA TRP A 319 6.78 12.57 1.76
C TRP A 319 6.64 13.01 3.23
N GLY A 320 5.83 12.31 3.99
CA GLY A 320 5.66 12.60 5.44
C GLY A 320 7.00 12.47 6.15
N LEU A 321 7.72 11.39 5.91
CA LEU A 321 9.06 11.18 6.55
C LEU A 321 9.98 12.34 6.16
N ALA A 322 9.97 12.72 4.88
CA ALA A 322 10.88 13.79 4.39
C ALA A 322 10.59 15.12 5.09
N PHE A 323 9.33 15.40 5.38
CA PHE A 323 8.95 16.64 6.10
C PHE A 323 9.43 16.60 7.54
N GLN A 324 9.10 15.55 8.28
CA GLN A 324 9.33 15.57 9.75
C GLN A 324 9.22 14.18 10.37
N GLY A 325 9.77 13.16 9.73
CA GLY A 325 9.90 11.84 10.34
C GLY A 325 8.58 11.33 10.84
N GLU A 326 8.53 10.85 12.08
CA GLU A 326 7.31 10.29 12.71
C GLU A 326 6.16 11.30 12.64
N LYS A 327 6.42 12.55 13.03
CA LYS A 327 5.33 13.57 13.08
C LYS A 327 4.83 13.86 11.65
N GLY A 328 5.70 13.80 10.64
CA GLY A 328 5.28 14.01 9.25
C GLY A 328 4.40 12.86 8.77
N VAL A 329 4.75 11.62 9.08
CA VAL A 329 3.91 10.45 8.71
C VAL A 329 2.56 10.58 9.41
N GLN A 330 2.59 10.93 10.71
CA GLN A 330 1.36 11.10 11.49
C GLN A 330 0.51 12.17 10.81
N ASP A 331 1.09 13.29 10.40
CA ASP A 331 0.35 14.39 9.74
C ASP A 331 -0.29 13.91 8.42
N VAL A 332 0.46 13.20 7.59
CA VAL A 332 -0.08 12.66 6.32
C VAL A 332 -1.26 11.74 6.62
N LEU A 333 -1.09 10.83 7.53
CA LEU A 333 -2.19 9.87 7.85
C LEU A 333 -3.39 10.62 8.45
N GLU A 334 -3.18 11.66 9.25
CA GLU A 334 -4.29 12.47 9.82
C GLU A 334 -5.01 13.28 8.75
N ILE A 335 -4.27 13.81 7.76
CA ILE A 335 -4.89 14.51 6.61
C ILE A 335 -5.79 13.53 5.84
N LEU A 336 -5.28 12.36 5.56
CA LEU A 336 -6.09 11.36 4.80
C LEU A 336 -7.29 10.96 5.64
N LYS A 337 -7.11 10.73 6.94
CA LYS A 337 -8.22 10.35 7.85
C LYS A 337 -9.29 11.42 7.80
N GLU A 338 -8.92 12.68 8.00
CA GLU A 338 -9.92 13.77 8.08
C GLU A 338 -10.55 14.05 6.72
N GLU A 339 -9.80 13.95 5.62
CA GLU A 339 -10.38 14.08 4.27
C GLU A 339 -11.40 12.97 4.10
N PHE A 340 -11.06 11.78 4.51
CA PHE A 340 -11.97 10.62 4.34
C PHE A 340 -13.22 10.82 5.21
N ARG A 341 -13.05 11.26 6.44
CA ARG A 341 -14.22 11.54 7.33
C ARG A 341 -15.15 12.53 6.63
N LEU A 342 -14.59 13.63 6.13
CA LEU A 342 -15.43 14.65 5.47
C LEU A 342 -16.12 14.07 4.23
N ALA A 343 -15.42 13.30 3.40
CA ALA A 343 -16.02 12.73 2.19
C ALA A 343 -17.14 11.79 2.59
N MET A 344 -16.94 10.97 3.63
CA MET A 344 -18.00 10.06 4.10
C MET A 344 -19.20 10.89 4.55
N ALA A 345 -19.00 11.92 5.36
CA ALA A 345 -20.10 12.73 5.91
C ALA A 345 -20.85 13.41 4.75
N LEU A 346 -20.16 14.02 3.79
CA LEU A 346 -20.82 14.78 2.72
C LEU A 346 -21.56 13.83 1.80
N SER A 347 -21.20 12.53 1.78
CA SER A 347 -21.86 11.54 0.90
CA SER A 347 -21.81 11.49 0.92
C SER A 347 -22.96 10.78 1.63
N GLY A 348 -23.17 11.09 2.90
CA GLY A 348 -24.27 10.51 3.68
C GLY A 348 -23.91 9.20 4.33
N CYS A 349 -22.62 8.93 4.55
CA CYS A 349 -22.19 7.64 5.12
C CYS A 349 -21.68 7.81 6.57
N GLN A 350 -22.41 7.22 7.51
CA GLN A 350 -22.12 7.31 8.97
C GLN A 350 -20.92 6.44 9.31
N ASN A 351 -20.77 5.34 8.57
CA ASN A 351 -19.74 4.31 8.83
C ASN A 351 -19.40 3.56 7.54
N VAL A 352 -18.41 2.65 7.51
CA VAL A 352 -17.91 2.11 6.24
C VAL A 352 -18.88 1.04 5.76
N LYS A 353 -19.76 0.55 6.65
CA LYS A 353 -20.70 -0.53 6.26
C LYS A 353 -21.78 -0.03 5.30
N VAL A 354 -22.05 1.27 5.29
CA VAL A 354 -23.12 1.84 4.42
C VAL A 354 -22.53 2.38 3.12
N ILE A 355 -21.23 2.36 2.92
CA ILE A 355 -20.63 2.75 1.63
C ILE A 355 -21.02 1.68 0.60
N ASP A 356 -21.72 2.06 -0.47
CA ASP A 356 -22.29 1.07 -1.43
C ASP A 356 -21.90 1.48 -2.86
N LYS A 357 -22.12 0.58 -3.81
CA LYS A 357 -21.72 0.80 -5.21
C LYS A 357 -22.55 1.94 -5.83
N THR A 358 -23.71 2.36 -5.30
CA THR A 358 -24.50 3.43 -5.96
C THR A 358 -23.86 4.79 -5.68
N LEU A 359 -22.84 4.81 -4.82
CA LEU A 359 -22.18 6.13 -4.59
C LEU A 359 -21.33 6.54 -5.77
N VAL A 360 -20.95 5.65 -6.69
CA VAL A 360 -19.98 5.97 -7.76
C VAL A 360 -20.48 5.52 -9.11
N ARG A 361 -20.12 6.29 -10.13
CA ARG A 361 -20.35 5.92 -11.54
C ARG A 361 -19.20 6.45 -12.36
N LYS A 362 -18.74 5.71 -13.35
CA LYS A 362 -17.64 6.21 -14.21
C LYS A 362 -18.23 6.93 -15.41
N1 FMN B . 6.34 -2.69 -2.86
C2 FMN B . 6.85 -3.83 -2.33
O2 FMN B . 6.13 -4.86 -2.33
N3 FMN B . 8.08 -3.91 -1.80
C4 FMN B . 8.90 -2.85 -1.76
O4 FMN B . 10.04 -2.95 -1.26
C4A FMN B . 8.43 -1.57 -2.32
N5 FMN B . 9.20 -0.45 -2.31
C5A FMN B . 8.73 0.72 -2.83
C6 FMN B . 9.54 1.85 -2.83
C7 FMN B . 9.07 3.03 -3.35
C7M FMN B . 9.95 4.27 -3.34
C8 FMN B . 7.71 3.11 -3.94
C8M FMN B . 7.20 4.41 -4.52
C9 FMN B . 6.90 1.98 -3.95
C9A FMN B . 7.36 0.79 -3.43
N10 FMN B . 6.54 -0.36 -3.43
C10 FMN B . 7.06 -1.55 -2.88
C1' FMN B . 5.20 -0.31 -4.00
C2' FMN B . 4.21 0.09 -2.92
O2' FMN B . 4.10 -0.96 -1.95
C3' FMN B . 2.83 0.39 -3.51
O3' FMN B . 2.51 -0.63 -4.46
C4' FMN B . 2.81 1.75 -4.20
O4' FMN B . 3.79 2.61 -3.59
C5' FMN B . 1.43 2.38 -4.10
O5' FMN B . 1.36 3.50 -4.99
P FMN B . 1.43 5.00 -4.42
O1P FMN B . 0.60 4.94 -3.15
O2P FMN B . 0.81 5.83 -5.52
O3P FMN B . 2.90 5.25 -4.19
C1 SLJ C . 17.34 4.55 -3.20
C2 SLJ C . 17.48 3.80 -4.40
C3 SLJ C . 16.94 1.61 -5.08
C7 SLJ C . 16.40 0.32 -4.74
C8 SLJ C . 15.93 0.03 -3.35
C9 SLJ C . 16.57 -2.13 -2.19
C10 SLJ C . 14.37 -1.89 -3.37
C11 SLJ C . 13.47 -1.14 -4.11
C12 SLJ C . 12.22 -1.71 -4.39
C13 SLJ C . 11.90 -3.00 -3.94
C14 SLJ C . 11.05 -1.28 -5.08
C15 SLJ C . 10.80 -0.01 -5.74
C16 SLJ C . 12.82 -3.77 -3.24
O2 SLJ C . 11.64 0.91 -5.75
O1 SLJ C . 9.69 0.08 -6.40
N3 SLJ C . 10.11 -2.23 -5.06
N2 SLJ C . 10.63 -3.26 -4.35
C17 SLJ C . 14.06 -3.18 -2.96
N1 SLJ C . 15.65 -1.38 -3.05
C6 SLJ C . 16.34 -0.59 -5.78
C5 SLJ C . 16.73 -0.21 -7.05
C4 SLJ C . 17.22 1.07 -7.25
N SLJ C . 17.34 1.98 -6.27
O SLJ C . 16.95 2.50 -4.08
C SLJ C . 17.72 6.05 -3.50
#